data_7SIU
#
_entry.id   7SIU
#
_cell.length_a   69.370
_cell.length_b   69.370
_cell.length_c   323.590
_cell.angle_alpha   90.000
_cell.angle_beta   90.000
_cell.angle_gamma   90.000
#
_symmetry.space_group_name_H-M   'P 41 21 2'
#
loop_
_entity.id
_entity.type
_entity.pdbx_description
1 polymer 'Mitogen-activated protein kinase kinase kinase kinase 1'
2 non-polymer 6-[(5R)-5-benzamidocyclohex-1-en-1-yl]-3-[(1-methyl-1H-pyrazol-4-yl)amino]pyrazine-2-carboxamide
3 non-polymer 'SULFATE ION'
4 water water
#
_entity_poly.entity_id   1
_entity_poly.type   'polypeptide(L)'
_entity_poly.pdbx_seq_one_letter_code
;MDYKDDDDKENLYFQGDVVDPDIFNRDPRDHYDLLQRLGGGTYGEVFKARDKVSGDLVALKMVKMEPDDDVSTLQKEILI
LKTCRHANIVAYHGSYLWLQKLWICMEFCGAGSLQDIYQVTGSLSELQISYVCREVLQGLAYLHSQKKIHRDIKGANILI
NDAGEVRLADFGISAQIGATLARRLSFIGTPYWMAPEVAAVALKGGYNELCDIWSLGITAIELAELQPPLFDVHPLRVLF
LMTKSGYQPPRLKEKGKWSAAFHNFIKVTLTASPAARPSATKMLSHQLVSQPGLNRGLILDLLDKLKNPG
;
_entity_poly.pdbx_strand_id   A,B
#
loop_
_chem_comp.id
_chem_comp.type
_chem_comp.name
_chem_comp.formula
9ID non-polymer 6-[(5R)-5-benzamidocyclohex-1-en-1-yl]-3-[(1-methyl-1H-pyrazol-4-yl)amino]pyrazine-2-carboxamide 'C22 H23 N7 O2'
SO4 non-polymer 'SULFATE ION' 'O4 S -2'
#
# COMPACT_ATOMS: atom_id res chain seq x y z
N ASN A 11 -13.73 -20.54 -14.38
CA ASN A 11 -13.62 -20.98 -15.76
C ASN A 11 -12.89 -22.32 -15.85
N LEU A 12 -13.63 -23.39 -16.14
CA LEU A 12 -13.10 -24.75 -16.27
C LEU A 12 -12.15 -24.90 -17.47
N TYR A 13 -12.21 -23.98 -18.45
CA TYR A 13 -11.34 -24.06 -19.63
C TYR A 13 -9.91 -23.62 -19.38
N PHE A 14 -9.60 -23.03 -18.21
CA PHE A 14 -8.24 -22.63 -17.91
C PHE A 14 -7.57 -23.62 -16.95
N GLN A 15 -6.28 -23.93 -17.17
CA GLN A 15 -5.54 -24.85 -16.30
C GLN A 15 -4.03 -24.64 -16.49
N ASP A 20 -13.69 -31.19 -3.98
CA ASP A 20 -14.32 -30.11 -4.75
C ASP A 20 -14.94 -29.01 -3.90
N PRO A 21 -15.48 -29.25 -2.68
CA PRO A 21 -16.01 -28.14 -1.88
C PRO A 21 -14.93 -27.13 -1.55
N ASP A 22 -15.33 -25.87 -1.37
CA ASP A 22 -14.38 -24.81 -1.03
C ASP A 22 -13.86 -24.92 0.39
N ILE A 23 -14.76 -25.12 1.37
CA ILE A 23 -14.33 -25.22 2.76
C ILE A 23 -15.11 -26.33 3.46
N PHE A 24 -14.43 -27.17 4.27
CA PHE A 24 -15.11 -28.20 5.03
C PHE A 24 -15.38 -27.66 6.42
N ASN A 25 -16.62 -27.81 6.94
CA ASN A 25 -16.92 -27.37 8.31
C ASN A 25 -16.64 -28.55 9.21
N ARG A 26 -15.37 -28.84 9.41
CA ARG A 26 -14.94 -30.03 10.12
C ARG A 26 -13.49 -29.84 10.63
N ASP A 27 -13.14 -30.57 11.68
CA ASP A 27 -11.81 -30.57 12.27
C ASP A 27 -10.90 -31.29 11.29
N PRO A 28 -9.79 -30.69 10.82
CA PRO A 28 -8.89 -31.42 9.91
C PRO A 28 -8.30 -32.67 10.54
N ARG A 29 -8.30 -32.77 11.87
CA ARG A 29 -7.84 -33.99 12.54
C ARG A 29 -8.72 -35.22 12.24
N ASP A 30 -9.92 -35.03 11.63
CA ASP A 30 -10.76 -36.13 11.19
C ASP A 30 -10.11 -36.85 9.98
N HIS A 31 -9.34 -36.11 9.16
CA HIS A 31 -8.68 -36.65 7.97
C HIS A 31 -7.16 -36.76 8.12
N TYR A 32 -6.56 -36.04 9.08
CA TYR A 32 -5.10 -36.00 9.22
C TYR A 32 -4.60 -36.16 10.63
N ASP A 33 -3.46 -36.84 10.77
CA ASP A 33 -2.81 -36.97 12.07
C ASP A 33 -1.80 -35.86 12.13
N LEU A 34 -1.91 -34.99 13.13
CA LEU A 34 -1.00 -33.87 13.26
C LEU A 34 0.35 -34.34 13.79
N LEU A 35 1.42 -34.04 13.03
CA LEU A 35 2.75 -34.41 13.43
C LEU A 35 3.47 -33.13 13.98
N GLN A 36 4.77 -32.95 13.74
CA GLN A 36 5.53 -31.84 14.29
C GLN A 36 5.14 -30.45 13.80
N ARG A 37 5.40 -29.45 14.65
CA ARG A 37 5.20 -28.07 14.29
C ARG A 37 6.41 -27.68 13.44
N LEU A 38 6.16 -27.23 12.22
CA LEU A 38 7.19 -26.84 11.27
C LEU A 38 7.66 -25.41 11.47
N GLY A 39 6.76 -24.54 11.91
CA GLY A 39 7.09 -23.15 12.13
C GLY A 39 5.89 -22.31 12.52
N GLY A 40 6.13 -21.04 12.69
CA GLY A 40 5.10 -20.09 13.08
C GLY A 40 5.54 -18.65 12.89
N GLY A 41 4.58 -17.75 13.01
CA GLY A 41 4.85 -16.33 12.86
C GLY A 41 3.58 -15.56 12.60
N THR A 42 3.70 -14.46 11.85
CA THR A 42 2.55 -13.61 11.51
C THR A 42 1.52 -14.33 10.62
N TYR A 43 1.96 -15.32 9.84
CA TYR A 43 1.07 -16.09 8.99
C TYR A 43 0.22 -17.15 9.74
N GLY A 44 0.58 -17.43 10.99
CA GLY A 44 -0.10 -18.45 11.79
C GLY A 44 0.87 -19.53 12.19
N GLU A 45 0.43 -20.79 12.22
CA GLU A 45 1.31 -21.91 12.58
C GLU A 45 1.23 -22.98 11.51
N VAL A 46 2.35 -23.62 11.17
CA VAL A 46 2.32 -24.69 10.16
C VAL A 46 2.75 -26.01 10.77
N PHE A 47 2.03 -27.09 10.47
CA PHE A 47 2.33 -28.41 11.01
C PHE A 47 2.52 -29.41 9.89
N LYS A 48 3.40 -30.38 10.09
CA LYS A 48 3.51 -31.51 9.19
C LYS A 48 2.33 -32.44 9.58
N ALA A 49 1.70 -33.11 8.63
CA ALA A 49 0.57 -33.99 8.93
C ALA A 49 0.53 -35.17 7.97
N ARG A 50 -0.17 -36.25 8.35
CA ARG A 50 -0.25 -37.43 7.51
C ARG A 50 -1.70 -37.79 7.26
N ASP A 51 -2.07 -38.06 6.01
CA ASP A 51 -3.42 -38.46 5.62
C ASP A 51 -3.71 -39.82 6.27
N LYS A 52 -4.82 -39.93 6.98
CA LYS A 52 -5.19 -41.15 7.70
C LYS A 52 -5.48 -42.32 6.77
N VAL A 53 -5.94 -42.04 5.55
CA VAL A 53 -6.30 -43.08 4.58
C VAL A 53 -5.14 -43.47 3.67
N SER A 54 -4.52 -42.50 2.97
CA SER A 54 -3.45 -42.80 2.03
C SER A 54 -2.05 -42.84 2.63
N GLY A 55 -1.86 -42.21 3.78
CA GLY A 55 -0.54 -42.13 4.40
C GLY A 55 0.33 -41.02 3.83
N ASP A 56 -0.17 -40.27 2.85
CA ASP A 56 0.54 -39.16 2.21
C ASP A 56 0.81 -38.04 3.19
N LEU A 57 1.98 -37.40 3.08
CA LEU A 57 2.33 -36.29 3.96
C LEU A 57 1.84 -34.98 3.38
N VAL A 58 1.37 -34.08 4.24
CA VAL A 58 0.91 -32.74 3.85
C VAL A 58 1.42 -31.75 4.92
N ALA A 59 1.25 -30.44 4.67
CA ALA A 59 1.47 -29.42 5.67
C ALA A 59 0.10 -28.80 5.92
N LEU A 60 -0.18 -28.43 7.14
CA LEU A 60 -1.44 -27.79 7.51
C LEU A 60 -1.10 -26.47 8.16
N LYS A 61 -1.63 -25.36 7.62
CA LYS A 61 -1.42 -24.06 8.23
C LYS A 61 -2.68 -23.69 9.01
N MET A 62 -2.52 -23.35 10.28
CA MET A 62 -3.62 -22.98 11.15
C MET A 62 -3.63 -21.48 11.31
N VAL A 63 -4.72 -20.84 10.93
CA VAL A 63 -4.89 -19.40 11.01
C VAL A 63 -6.03 -19.04 11.96
N LYS A 64 -5.76 -18.22 12.97
CA LYS A 64 -6.80 -17.80 13.89
C LYS A 64 -7.71 -16.79 13.21
N MET A 65 -9.01 -17.07 13.19
CA MET A 65 -9.97 -16.18 12.58
C MET A 65 -10.64 -15.31 13.66
N GLU A 66 -11.10 -14.14 13.27
CA GLU A 66 -11.84 -13.25 14.16
C GLU A 66 -13.31 -13.74 14.19
N PRO A 67 -14.02 -13.62 15.33
CA PRO A 67 -15.42 -14.11 15.35
C PRO A 67 -16.34 -13.40 14.36
N ASP A 68 -16.05 -12.13 14.07
CA ASP A 68 -16.83 -11.34 13.14
C ASP A 68 -16.31 -11.34 11.69
N ASP A 69 -15.38 -12.25 11.32
CA ASP A 69 -14.91 -12.31 9.93
C ASP A 69 -16.07 -12.86 9.10
N ASP A 70 -16.49 -12.17 8.01
CA ASP A 70 -17.64 -12.66 7.26
C ASP A 70 -17.29 -13.82 6.33
N VAL A 71 -18.21 -14.79 6.28
CA VAL A 71 -18.07 -16.00 5.47
C VAL A 71 -18.07 -15.69 3.98
N SER A 72 -18.79 -14.63 3.56
CA SER A 72 -18.82 -14.23 2.16
C SER A 72 -17.42 -13.88 1.66
N THR A 73 -16.68 -13.04 2.41
CA THR A 73 -15.33 -12.63 2.04
C THR A 73 -14.36 -13.80 2.15
N LEU A 74 -14.51 -14.64 3.19
CA LEU A 74 -13.65 -15.81 3.34
C LEU A 74 -13.77 -16.74 2.12
N GLN A 75 -14.99 -16.95 1.60
CA GLN A 75 -15.17 -17.80 0.43
C GLN A 75 -14.51 -17.22 -0.80
N LYS A 76 -14.57 -15.88 -0.96
CA LYS A 76 -13.91 -15.22 -2.09
C LYS A 76 -12.40 -15.43 -2.01
N GLU A 77 -11.84 -15.32 -0.79
CA GLU A 77 -10.41 -15.50 -0.58
C GLU A 77 -9.98 -16.93 -0.90
N ILE A 78 -10.76 -17.92 -0.45
CA ILE A 78 -10.44 -19.32 -0.69
C ILE A 78 -10.52 -19.66 -2.18
N LEU A 79 -11.47 -19.05 -2.90
CA LEU A 79 -11.57 -19.31 -4.34
C LEU A 79 -10.29 -18.88 -5.08
N ILE A 80 -9.63 -17.81 -4.61
CA ILE A 80 -8.38 -17.35 -5.20
C ILE A 80 -7.27 -18.39 -4.96
N LEU A 81 -7.23 -18.99 -3.76
CA LEU A 81 -6.26 -20.06 -3.47
C LEU A 81 -6.48 -21.28 -4.37
N LYS A 82 -7.75 -21.59 -4.65
CA LYS A 82 -8.11 -22.75 -5.45
C LYS A 82 -7.74 -22.61 -6.94
N THR A 83 -7.72 -21.40 -7.47
CA THR A 83 -7.47 -21.20 -8.90
C THR A 83 -6.03 -20.75 -9.25
N CYS A 84 -5.20 -20.49 -8.25
CA CYS A 84 -3.85 -20.03 -8.50
C CYS A 84 -2.91 -21.21 -8.32
N ARG A 85 -2.55 -21.89 -9.41
CA ARG A 85 -1.75 -23.10 -9.31
C ARG A 85 -0.60 -23.20 -10.31
N HIS A 86 0.58 -23.60 -9.82
CA HIS A 86 1.76 -23.75 -10.66
C HIS A 86 2.73 -24.71 -9.97
N ALA A 87 3.52 -25.48 -10.74
CA ALA A 87 4.46 -26.45 -10.15
C ALA A 87 5.44 -25.80 -9.18
N ASN A 88 5.82 -24.55 -9.43
CA ASN A 88 6.76 -23.85 -8.56
C ASN A 88 6.12 -23.05 -7.44
N ILE A 89 4.87 -23.34 -7.09
CA ILE A 89 4.20 -22.71 -5.96
C ILE A 89 3.68 -23.86 -5.13
N VAL A 90 3.83 -23.84 -3.79
CA VAL A 90 3.31 -24.89 -2.88
C VAL A 90 1.85 -25.21 -3.26
N ALA A 91 1.56 -26.48 -3.59
CA ALA A 91 0.23 -26.86 -4.05
C ALA A 91 -0.80 -26.81 -2.95
N TYR A 92 -1.90 -26.12 -3.21
CA TYR A 92 -3.02 -26.00 -2.28
C TYR A 92 -3.92 -27.24 -2.44
N HIS A 93 -4.35 -27.86 -1.34
CA HIS A 93 -5.23 -29.03 -1.40
C HIS A 93 -6.66 -28.75 -0.94
N GLY A 94 -6.83 -27.94 0.10
CA GLY A 94 -8.16 -27.66 0.62
C GLY A 94 -8.16 -26.86 1.90
N SER A 95 -9.35 -26.51 2.40
CA SER A 95 -9.48 -25.70 3.60
C SER A 95 -10.55 -26.26 4.52
N TYR A 96 -10.35 -26.07 5.81
CA TYR A 96 -11.24 -26.52 6.88
C TYR A 96 -11.49 -25.34 7.78
N LEU A 97 -12.73 -25.17 8.24
CA LEU A 97 -13.05 -24.08 9.18
C LEU A 97 -13.63 -24.77 10.41
N TRP A 98 -12.95 -24.66 11.56
CA TRP A 98 -13.38 -25.35 12.76
C TRP A 98 -12.95 -24.61 14.01
N LEU A 99 -13.92 -24.32 14.91
CA LEU A 99 -13.67 -23.62 16.16
C LEU A 99 -12.84 -22.34 16.01
N GLN A 100 -13.26 -21.47 15.08
CA GLN A 100 -12.63 -20.18 14.80
C GLN A 100 -11.21 -20.26 14.25
N LYS A 101 -10.86 -21.41 13.67
CA LYS A 101 -9.57 -21.58 13.07
C LYS A 101 -9.79 -22.00 11.64
N LEU A 102 -9.07 -21.36 10.72
CA LEU A 102 -9.07 -21.75 9.32
C LEU A 102 -7.83 -22.62 9.16
N TRP A 103 -7.96 -23.80 8.54
CA TRP A 103 -6.82 -24.67 8.32
C TRP A 103 -6.62 -24.82 6.83
N ILE A 104 -5.42 -24.51 6.33
CA ILE A 104 -5.13 -24.65 4.92
C ILE A 104 -4.26 -25.88 4.72
N CYS A 105 -4.72 -26.83 3.92
CA CYS A 105 -3.97 -28.05 3.66
C CYS A 105 -3.18 -27.89 2.36
N MET A 106 -1.89 -28.28 2.38
CA MET A 106 -1.04 -28.06 1.23
C MET A 106 0.12 -29.07 1.12
N GLU A 107 0.86 -28.99 0.02
CA GLU A 107 2.02 -29.82 -0.27
C GLU A 107 3.07 -29.66 0.85
N PHE A 108 3.70 -30.76 1.28
CA PHE A 108 4.74 -30.74 2.30
C PHE A 108 6.11 -30.55 1.62
N CYS A 109 6.92 -29.61 2.12
CA CYS A 109 8.28 -29.31 1.62
C CYS A 109 9.23 -29.56 2.78
N GLY A 110 9.71 -30.79 2.85
CA GLY A 110 10.53 -31.31 3.93
C GLY A 110 11.77 -30.58 4.35
N ALA A 111 12.46 -29.88 3.42
CA ALA A 111 13.70 -29.20 3.80
C ALA A 111 13.52 -27.77 4.32
N GLY A 112 12.28 -27.27 4.32
CA GLY A 112 12.01 -25.94 4.81
C GLY A 112 12.43 -24.87 3.83
N SER A 113 12.68 -23.66 4.33
CA SER A 113 13.03 -22.56 3.44
C SER A 113 14.51 -22.52 3.10
N LEU A 114 14.86 -21.76 2.03
CA LEU A 114 16.27 -21.57 1.70
C LEU A 114 17.00 -20.86 2.84
N GLN A 115 16.32 -19.98 3.60
CA GLN A 115 16.96 -19.35 4.76
C GLN A 115 17.24 -20.38 5.85
N ASP A 116 16.30 -21.31 6.15
CA ASP A 116 16.52 -22.38 7.11
C ASP A 116 17.75 -23.22 6.71
N ILE A 117 17.89 -23.47 5.40
CA ILE A 117 19.03 -24.23 4.88
C ILE A 117 20.36 -23.47 4.92
N TYR A 118 20.44 -22.24 4.33
CA TYR A 118 21.74 -21.55 4.27
C TYR A 118 22.25 -21.13 5.66
N GLN A 119 21.37 -21.02 6.66
CA GLN A 119 21.84 -20.72 8.02
C GLN A 119 22.68 -21.89 8.58
N VAL A 120 22.58 -23.09 7.98
CA VAL A 120 23.38 -24.24 8.36
C VAL A 120 24.50 -24.48 7.36
N THR A 121 24.19 -24.48 6.04
CA THR A 121 25.17 -24.80 5.02
C THR A 121 26.15 -23.72 4.66
N GLY A 122 25.75 -22.47 4.83
CA GLY A 122 26.54 -21.37 4.32
C GLY A 122 26.08 -21.03 2.90
N SER A 123 26.83 -20.18 2.23
CA SER A 123 26.45 -19.66 0.92
C SER A 123 26.27 -20.70 -0.16
N LEU A 124 25.25 -20.47 -1.02
CA LEU A 124 24.99 -21.41 -2.11
C LEU A 124 26.01 -21.19 -3.22
N SER A 125 26.22 -22.20 -4.03
CA SER A 125 27.08 -22.06 -5.21
C SER A 125 26.32 -21.25 -6.28
N GLU A 126 27.05 -20.71 -7.25
CA GLU A 126 26.44 -19.95 -8.34
C GLU A 126 25.43 -20.82 -9.12
N LEU A 127 25.78 -22.07 -9.41
CA LEU A 127 24.85 -22.97 -10.11
C LEU A 127 23.59 -23.26 -9.27
N GLN A 128 23.74 -23.43 -7.93
CA GLN A 128 22.57 -23.65 -7.07
C GLN A 128 21.67 -22.41 -7.10
N ILE A 129 22.27 -21.21 -7.00
CA ILE A 129 21.48 -19.98 -7.07
C ILE A 129 20.77 -19.84 -8.42
N SER A 130 21.46 -20.18 -9.52
CA SER A 130 20.91 -20.09 -10.87
C SER A 130 19.65 -20.95 -11.02
N TYR A 131 19.70 -22.17 -10.47
CA TYR A 131 18.56 -23.09 -10.53
C TYR A 131 17.42 -22.52 -9.69
N VAL A 132 17.71 -22.02 -8.47
CA VAL A 132 16.65 -21.40 -7.66
C VAL A 132 15.99 -20.22 -8.40
N CYS A 133 16.80 -19.35 -9.00
CA CYS A 133 16.28 -18.17 -9.72
C CYS A 133 15.44 -18.59 -10.88
N ARG A 134 15.86 -19.61 -11.63
CA ARG A 134 15.08 -20.07 -12.77
C ARG A 134 13.71 -20.57 -12.31
N GLU A 135 13.68 -21.38 -11.24
CA GLU A 135 12.44 -21.95 -10.72
C GLU A 135 11.50 -20.85 -10.17
N VAL A 136 12.06 -19.87 -9.45
CA VAL A 136 11.27 -18.75 -8.92
C VAL A 136 10.72 -17.93 -10.09
N LEU A 137 11.55 -17.66 -11.11
CA LEU A 137 11.09 -16.89 -12.28
C LEU A 137 9.95 -17.59 -12.99
N GLN A 138 9.97 -18.93 -13.04
CA GLN A 138 8.86 -19.67 -13.68
C GLN A 138 7.55 -19.42 -12.88
N GLY A 139 7.65 -19.43 -11.56
CA GLY A 139 6.51 -19.14 -10.70
C GLY A 139 6.03 -17.71 -10.88
N LEU A 140 6.96 -16.74 -10.94
CA LEU A 140 6.63 -15.32 -11.15
C LEU A 140 6.03 -15.09 -12.52
N ALA A 141 6.55 -15.72 -13.58
CA ALA A 141 5.98 -15.56 -14.94
C ALA A 141 4.52 -16.02 -14.95
N TYR A 142 4.22 -17.11 -14.22
CA TYR A 142 2.84 -17.58 -14.08
C TYR A 142 2.01 -16.54 -13.30
N LEU A 143 2.48 -16.11 -12.11
CA LEU A 143 1.71 -15.14 -11.31
C LEU A 143 1.45 -13.84 -12.03
N HIS A 144 2.46 -13.32 -12.72
CA HIS A 144 2.31 -12.06 -13.48
C HIS A 144 1.32 -12.24 -14.64
N SER A 145 1.29 -13.44 -15.26
CA SER A 145 0.31 -13.75 -16.31
C SER A 145 -1.15 -13.77 -15.79
N GLN A 146 -1.32 -14.02 -14.49
CA GLN A 146 -2.62 -14.05 -13.83
C GLN A 146 -2.98 -12.67 -13.21
N LYS A 147 -2.19 -11.62 -13.50
CA LYS A 147 -2.37 -10.28 -12.96
C LYS A 147 -2.21 -10.23 -11.44
N LYS A 148 -1.32 -11.07 -10.89
CA LYS A 148 -1.01 -11.03 -9.46
C LYS A 148 0.40 -10.49 -9.26
N ILE A 149 0.66 -9.96 -8.06
CA ILE A 149 2.00 -9.52 -7.67
C ILE A 149 2.32 -10.28 -6.41
N HIS A 150 3.54 -10.86 -6.32
CA HIS A 150 3.90 -11.63 -5.13
C HIS A 150 4.22 -10.67 -3.97
N ARG A 151 5.19 -9.78 -4.19
CA ARG A 151 5.62 -8.72 -3.29
C ARG A 151 6.38 -9.19 -2.05
N ASP A 152 6.69 -10.51 -1.92
CA ASP A 152 7.48 -10.97 -0.78
C ASP A 152 8.46 -12.07 -1.15
N ILE A 153 9.12 -11.92 -2.28
CA ILE A 153 10.17 -12.87 -2.69
C ILE A 153 11.40 -12.60 -1.80
N LYS A 154 11.87 -13.65 -1.13
CA LYS A 154 13.07 -13.64 -0.28
C LYS A 154 13.36 -15.10 0.10
N GLY A 155 14.57 -15.36 0.58
CA GLY A 155 14.97 -16.72 0.91
C GLY A 155 14.07 -17.45 1.88
N ALA A 156 13.52 -16.73 2.90
CA ALA A 156 12.63 -17.36 3.89
C ALA A 156 11.29 -17.80 3.30
N ASN A 157 10.95 -17.26 2.11
CA ASN A 157 9.68 -17.56 1.45
C ASN A 157 9.79 -18.47 0.24
N ILE A 158 10.93 -19.13 0.07
CA ILE A 158 11.16 -20.08 -1.01
C ILE A 158 11.46 -21.41 -0.30
N LEU A 159 10.63 -22.40 -0.53
CA LEU A 159 10.76 -23.71 0.13
C LEU A 159 11.37 -24.75 -0.79
N ILE A 160 11.97 -25.77 -0.16
CA ILE A 160 12.63 -26.85 -0.86
C ILE A 160 12.05 -28.15 -0.35
N ASN A 161 11.69 -29.05 -1.26
CA ASN A 161 11.19 -30.36 -0.82
C ASN A 161 12.34 -31.38 -0.76
N ASP A 162 12.08 -32.59 -0.25
CA ASP A 162 13.15 -33.61 -0.14
C ASP A 162 13.69 -34.08 -1.50
N ALA A 163 12.94 -33.81 -2.58
CA ALA A 163 13.43 -34.13 -3.91
C ALA A 163 14.29 -33.00 -4.54
N GLY A 164 14.60 -31.95 -3.78
CA GLY A 164 15.41 -30.86 -4.29
C GLY A 164 14.66 -29.87 -5.17
N GLU A 165 13.32 -29.95 -5.17
CA GLU A 165 12.51 -29.04 -5.98
C GLU A 165 12.20 -27.74 -5.23
N VAL A 166 12.02 -26.64 -5.99
CA VAL A 166 11.81 -25.29 -5.47
C VAL A 166 10.35 -24.94 -5.54
N ARG A 167 9.80 -24.43 -4.44
CA ARG A 167 8.42 -24.03 -4.39
C ARG A 167 8.33 -22.71 -3.65
N LEU A 168 7.66 -21.69 -4.22
CA LEU A 168 7.34 -20.47 -3.47
C LEU A 168 6.39 -20.88 -2.33
N ALA A 169 6.65 -20.45 -1.08
CA ALA A 169 5.82 -20.82 0.09
C ALA A 169 4.35 -20.56 -0.14
N ASP A 170 4.05 -19.46 -0.81
CA ASP A 170 2.69 -19.14 -1.25
C ASP A 170 2.77 -18.18 -2.46
N PHE A 171 1.65 -17.66 -2.96
CA PHE A 171 1.71 -16.75 -4.09
C PHE A 171 1.70 -15.27 -3.68
N GLY A 172 2.08 -14.98 -2.41
CA GLY A 172 2.28 -13.62 -1.95
C GLY A 172 1.03 -12.86 -1.53
N ILE A 173 0.92 -11.59 -2.00
CA ILE A 173 -0.21 -10.70 -1.62
C ILE A 173 -1.58 -11.38 -1.58
N SER A 174 -1.97 -11.99 -2.70
CA SER A 174 -3.32 -12.53 -2.81
C SER A 174 -3.54 -13.84 -2.07
N ALA A 175 -2.51 -14.36 -1.39
CA ALA A 175 -2.64 -15.58 -0.57
C ALA A 175 -2.70 -15.21 0.93
N GLN A 176 -2.68 -13.91 1.30
CA GLN A 176 -2.68 -13.49 2.70
C GLN A 176 -4.04 -13.69 3.33
N ILE A 177 -4.04 -14.15 4.58
CA ILE A 177 -5.23 -14.37 5.40
C ILE A 177 -4.80 -14.15 6.87
N GLY A 178 -5.73 -13.77 7.72
CA GLY A 178 -5.42 -13.57 9.13
C GLY A 178 -4.57 -12.35 9.40
N ALA A 179 -3.64 -12.47 10.34
CA ALA A 179 -2.79 -11.37 10.83
C ALA A 179 -1.96 -10.66 9.75
N THR A 180 -1.39 -11.37 8.76
CA THR A 180 -0.60 -10.72 7.70
C THR A 180 -1.46 -9.77 6.88
N LEU A 181 -2.68 -10.21 6.57
CA LEU A 181 -3.63 -9.43 5.81
C LEU A 181 -4.14 -8.26 6.65
N ALA A 182 -4.38 -8.47 7.96
CA ALA A 182 -4.80 -7.37 8.85
C ALA A 182 -3.75 -6.26 8.88
N ARG A 183 -2.47 -6.61 8.92
CA ARG A 183 -1.39 -5.62 8.91
C ARG A 183 -1.36 -4.89 7.57
N ARG A 184 -1.54 -5.60 6.44
CA ARG A 184 -1.57 -4.92 5.14
C ARG A 184 -2.75 -3.96 5.05
N LEU A 185 -3.91 -4.34 5.61
CA LEU A 185 -5.09 -3.48 5.63
C LEU A 185 -4.82 -2.21 6.45
N SER A 186 -4.00 -2.30 7.51
CA SER A 186 -3.64 -1.12 8.29
C SER A 186 -2.76 -0.18 7.47
N PHE A 187 -1.87 -0.74 6.61
CA PHE A 187 -1.02 0.08 5.75
C PHE A 187 -1.90 0.80 4.71
N ILE A 188 -2.85 0.07 4.13
CA ILE A 188 -3.79 0.64 3.14
C ILE A 188 -4.62 1.78 3.77
N GLY A 189 -5.01 1.58 5.03
CA GLY A 189 -5.83 2.53 5.76
C GLY A 189 -7.27 2.43 5.32
N THR A 190 -8.09 3.35 5.83
CA THR A 190 -9.51 3.37 5.53
C THR A 190 -9.78 3.43 4.02
N PRO A 191 -10.66 2.55 3.49
CA PRO A 191 -10.90 2.56 2.05
C PRO A 191 -12.17 3.31 1.63
N TYR A 192 -12.96 3.87 2.58
CA TYR A 192 -14.29 4.40 2.26
C TYR A 192 -14.33 5.56 1.30
N TRP A 193 -13.22 6.27 1.14
CA TRP A 193 -13.16 7.41 0.19
C TRP A 193 -12.41 7.06 -1.13
N MET A 194 -11.93 5.81 -1.26
CA MET A 194 -11.22 5.40 -2.47
C MET A 194 -12.11 5.18 -3.64
N ALA A 195 -11.67 5.63 -4.82
CA ALA A 195 -12.39 5.35 -6.05
C ALA A 195 -12.20 3.85 -6.36
N PRO A 196 -13.07 3.24 -7.17
CA PRO A 196 -12.92 1.80 -7.44
C PRO A 196 -11.55 1.41 -8.01
N GLU A 197 -10.98 2.26 -8.87
CA GLU A 197 -9.69 1.96 -9.47
C GLU A 197 -8.53 2.02 -8.46
N VAL A 198 -8.68 2.85 -7.41
CA VAL A 198 -7.70 2.95 -6.32
C VAL A 198 -7.86 1.72 -5.42
N ALA A 199 -9.12 1.35 -5.10
CA ALA A 199 -9.40 0.13 -4.31
C ALA A 199 -8.84 -1.13 -5.02
N ALA A 200 -8.86 -1.15 -6.37
CA ALA A 200 -8.33 -2.30 -7.13
C ALA A 200 -6.84 -2.43 -6.93
N VAL A 201 -6.10 -1.30 -6.96
CA VAL A 201 -4.65 -1.33 -6.74
C VAL A 201 -4.37 -1.73 -5.31
N ALA A 202 -5.13 -1.18 -4.33
CA ALA A 202 -4.93 -1.52 -2.93
C ALA A 202 -5.12 -3.03 -2.69
N LEU A 203 -6.17 -3.63 -3.27
CA LEU A 203 -6.47 -5.05 -3.07
C LEU A 203 -5.40 -5.92 -3.71
N LYS A 204 -4.93 -5.52 -4.90
CA LYS A 204 -3.89 -6.26 -5.61
C LYS A 204 -2.50 -6.18 -4.94
N GLY A 205 -2.29 -5.13 -4.13
CA GLY A 205 -1.04 -4.90 -3.42
C GLY A 205 -0.05 -4.05 -4.17
N GLY A 206 -0.51 -3.39 -5.22
CA GLY A 206 0.33 -2.54 -6.05
C GLY A 206 -0.07 -2.58 -7.50
N TYR A 207 0.69 -1.87 -8.33
CA TYR A 207 0.38 -1.80 -9.73
C TYR A 207 1.48 -2.46 -10.55
N ASN A 208 2.74 -2.19 -10.23
CA ASN A 208 3.83 -2.69 -11.04
C ASN A 208 4.40 -4.01 -10.56
N GLU A 209 4.15 -5.07 -11.31
CA GLU A 209 4.63 -6.40 -10.94
C GLU A 209 6.16 -6.56 -11.05
N LEU A 210 6.85 -5.61 -11.69
CA LEU A 210 8.29 -5.71 -11.84
C LEU A 210 9.04 -5.55 -10.53
N CYS A 211 8.35 -5.15 -9.42
CA CYS A 211 8.95 -5.14 -8.08
C CYS A 211 9.45 -6.58 -7.72
N ASP A 212 8.76 -7.63 -8.24
CA ASP A 212 9.17 -9.01 -7.94
C ASP A 212 10.51 -9.36 -8.55
N ILE A 213 10.81 -8.79 -9.71
CA ILE A 213 12.09 -9.02 -10.40
C ILE A 213 13.22 -8.40 -9.60
N TRP A 214 13.00 -7.20 -9.05
CA TRP A 214 13.99 -6.59 -8.15
C TRP A 214 14.21 -7.51 -6.91
N SER A 215 13.13 -7.93 -6.27
CA SER A 215 13.25 -8.79 -5.07
C SER A 215 13.99 -10.08 -5.36
N LEU A 216 13.83 -10.63 -6.57
CA LEU A 216 14.56 -11.86 -6.93
C LEU A 216 16.07 -11.58 -7.04
N GLY A 217 16.43 -10.41 -7.55
CA GLY A 217 17.84 -9.99 -7.62
C GLY A 217 18.44 -9.87 -6.22
N ILE A 218 17.69 -9.26 -5.29
CA ILE A 218 18.15 -9.15 -3.90
C ILE A 218 18.29 -10.55 -3.28
N THR A 219 17.33 -11.43 -3.57
CA THR A 219 17.33 -12.81 -3.06
C THR A 219 18.56 -13.56 -3.58
N ALA A 220 18.97 -13.37 -4.85
CA ALA A 220 20.17 -14.01 -5.39
C ALA A 220 21.40 -13.56 -4.59
N ILE A 221 21.49 -12.27 -4.23
CA ILE A 221 22.58 -11.78 -3.37
C ILE A 221 22.48 -12.39 -1.98
N GLU A 222 21.29 -12.49 -1.43
CA GLU A 222 21.05 -13.10 -0.11
C GLU A 222 21.53 -14.56 -0.09
N LEU A 223 21.27 -15.34 -1.16
CA LEU A 223 21.72 -16.73 -1.21
C LEU A 223 23.23 -16.84 -1.38
N ALA A 224 23.85 -15.86 -2.04
CA ALA A 224 25.29 -15.79 -2.24
C ALA A 224 26.05 -15.27 -0.99
N GLU A 225 25.44 -14.39 -0.20
CA GLU A 225 26.12 -13.69 0.90
C GLU A 225 25.55 -13.88 2.29
N LEU A 226 24.39 -14.55 2.40
CA LEU A 226 23.68 -14.89 3.64
C LEU A 226 22.91 -13.75 4.27
N GLN A 227 22.88 -12.60 3.64
CA GLN A 227 22.10 -11.46 4.06
C GLN A 227 21.81 -10.65 2.81
N PRO A 228 20.69 -9.92 2.78
CA PRO A 228 20.48 -8.98 1.67
C PRO A 228 21.43 -7.79 1.85
N PRO A 229 21.73 -7.05 0.76
CA PRO A 229 22.53 -5.82 0.92
C PRO A 229 21.93 -4.84 1.94
N LEU A 230 22.80 -4.15 2.69
CA LEU A 230 22.38 -3.16 3.69
C LEU A 230 21.56 -3.71 4.85
N PHE A 231 21.59 -5.02 5.11
CA PHE A 231 20.79 -5.61 6.21
C PHE A 231 21.07 -4.93 7.58
N ASP A 232 22.26 -4.42 7.74
CA ASP A 232 22.73 -3.77 8.98
C ASP A 232 22.36 -2.29 9.10
N VAL A 233 21.81 -1.70 8.04
CA VAL A 233 21.45 -0.28 8.03
C VAL A 233 20.04 -0.15 8.56
N HIS A 234 19.73 0.89 9.40
CA HIS A 234 18.38 1.05 9.96
C HIS A 234 17.32 1.05 8.84
N PRO A 235 16.26 0.25 8.97
CA PRO A 235 15.28 0.13 7.87
C PRO A 235 14.69 1.43 7.33
N LEU A 236 14.43 2.42 8.20
CA LEU A 236 13.87 3.69 7.74
C LEU A 236 14.89 4.46 6.88
N ARG A 237 16.19 4.28 7.12
CA ARG A 237 17.21 4.92 6.31
C ARG A 237 17.30 4.26 4.96
N VAL A 238 17.18 2.92 4.89
CA VAL A 238 17.22 2.22 3.59
C VAL A 238 16.10 2.75 2.68
N LEU A 239 14.90 2.89 3.25
CA LEU A 239 13.73 3.41 2.55
C LEU A 239 13.93 4.85 2.07
N PHE A 240 14.42 5.73 2.96
CA PHE A 240 14.63 7.13 2.58
C PHE A 240 15.67 7.27 1.46
N LEU A 241 16.75 6.49 1.53
CA LEU A 241 17.79 6.53 0.50
C LEU A 241 17.24 6.16 -0.90
N MET A 242 16.20 5.33 -0.95
CA MET A 242 15.58 4.96 -2.23
C MET A 242 14.79 6.12 -2.85
N THR A 243 14.39 7.14 -2.06
CA THR A 243 13.66 8.28 -2.58
C THR A 243 14.59 9.36 -3.19
N LYS A 244 15.90 9.29 -2.93
CA LYS A 244 16.86 10.28 -3.38
C LYS A 244 17.26 10.15 -4.84
N SER A 245 17.46 11.28 -5.54
CA SER A 245 17.86 11.30 -6.95
C SER A 245 19.21 10.60 -7.22
N GLY A 246 20.12 10.61 -6.26
CA GLY A 246 21.42 9.96 -6.44
C GLY A 246 21.44 8.46 -6.19
N TYR A 247 20.29 7.87 -5.80
CA TYR A 247 20.19 6.44 -5.48
C TYR A 247 20.95 5.49 -6.42
N GLN A 248 21.73 4.56 -5.85
CA GLN A 248 22.43 3.54 -6.63
C GLN A 248 22.00 2.15 -6.11
N PRO A 249 21.63 1.25 -7.02
CA PRO A 249 21.23 -0.10 -6.58
C PRO A 249 22.40 -0.88 -6.01
N PRO A 250 22.11 -1.87 -5.16
CA PRO A 250 23.21 -2.68 -4.62
C PRO A 250 23.79 -3.67 -5.63
N ARG A 251 24.95 -4.26 -5.29
CA ARG A 251 25.65 -5.19 -6.17
C ARG A 251 26.23 -6.34 -5.30
N LEU A 252 26.78 -7.38 -5.94
CA LEU A 252 27.47 -8.45 -5.21
C LEU A 252 28.76 -7.83 -4.61
N LYS A 253 29.09 -8.19 -3.38
CA LYS A 253 30.25 -7.64 -2.65
C LYS A 253 31.58 -8.08 -3.29
N GLU A 254 31.68 -9.36 -3.68
CA GLU A 254 32.89 -9.90 -4.30
C GLU A 254 32.84 -9.85 -5.82
N LYS A 255 34.03 -9.85 -6.45
CA LYS A 255 34.14 -9.79 -7.90
C LYS A 255 34.44 -11.16 -8.53
N GLY A 256 35.67 -11.66 -8.35
CA GLY A 256 36.12 -12.90 -8.96
C GLY A 256 35.45 -14.18 -8.53
N LYS A 257 34.75 -14.16 -7.40
CA LYS A 257 34.03 -15.35 -6.92
C LYS A 257 32.86 -15.72 -7.87
N TRP A 258 32.32 -14.74 -8.58
CA TRP A 258 31.14 -14.91 -9.43
C TRP A 258 31.42 -14.66 -10.89
N SER A 259 30.72 -15.39 -11.76
CA SER A 259 30.87 -15.25 -13.20
C SER A 259 30.32 -13.90 -13.72
N ALA A 260 30.75 -13.52 -14.91
CA ALA A 260 30.26 -12.29 -15.56
C ALA A 260 28.72 -12.41 -15.80
N ALA A 261 28.21 -13.64 -16.10
CA ALA A 261 26.77 -13.87 -16.30
C ALA A 261 25.99 -13.57 -15.01
N PHE A 262 26.54 -13.96 -13.84
CA PHE A 262 25.91 -13.68 -12.54
C PHE A 262 25.94 -12.20 -12.23
N HIS A 263 27.07 -11.50 -12.47
CA HIS A 263 27.11 -10.05 -12.25
C HIS A 263 26.09 -9.34 -13.16
N ASN A 264 25.94 -9.83 -14.40
CA ASN A 264 24.98 -9.23 -15.33
C ASN A 264 23.54 -9.48 -14.90
N PHE A 265 23.24 -10.69 -14.42
CA PHE A 265 21.90 -11.01 -13.91
C PHE A 265 21.52 -10.04 -12.76
N ILE A 266 22.47 -9.74 -11.86
CA ILE A 266 22.24 -8.81 -10.76
C ILE A 266 22.05 -7.40 -11.28
N LYS A 267 22.87 -6.99 -12.25
CA LYS A 267 22.78 -5.66 -12.82
C LYS A 267 21.42 -5.41 -13.47
N VAL A 268 20.90 -6.38 -14.22
CA VAL A 268 19.64 -6.15 -14.96
C VAL A 268 18.42 -6.30 -14.05
N THR A 269 18.44 -7.24 -13.08
CA THR A 269 17.31 -7.38 -12.16
C THR A 269 17.24 -6.18 -11.22
N LEU A 270 18.41 -5.67 -10.78
CA LEU A 270 18.45 -4.52 -9.88
C LEU A 270 18.55 -3.19 -10.63
N THR A 271 17.70 -3.03 -11.65
CA THR A 271 17.59 -1.78 -12.39
C THR A 271 16.65 -0.92 -11.54
N ALA A 272 17.05 0.29 -11.14
CA ALA A 272 16.22 1.12 -10.25
C ALA A 272 14.89 1.51 -10.91
N SER A 273 14.92 1.85 -12.18
CA SER A 273 13.74 2.24 -12.94
C SER A 273 12.99 1.00 -13.42
N PRO A 274 11.75 0.79 -12.98
CA PRO A 274 11.00 -0.38 -13.45
C PRO A 274 10.76 -0.37 -14.96
N ALA A 275 10.73 0.81 -15.60
CA ALA A 275 10.59 0.89 -17.06
C ALA A 275 11.72 0.21 -17.78
N ALA A 276 12.93 0.21 -17.21
CA ALA A 276 14.07 -0.46 -17.84
C ALA A 276 14.35 -1.88 -17.25
N ARG A 277 13.57 -2.34 -16.28
CA ARG A 277 13.76 -3.65 -15.65
C ARG A 277 13.06 -4.73 -16.48
N PRO A 278 13.72 -5.86 -16.75
CA PRO A 278 13.09 -6.92 -17.56
C PRO A 278 11.94 -7.65 -16.87
N SER A 279 11.00 -8.14 -17.69
CA SER A 279 9.89 -8.96 -17.21
C SER A 279 10.40 -10.34 -16.74
N ALA A 280 9.55 -11.13 -16.05
CA ALA A 280 9.93 -12.49 -15.62
C ALA A 280 10.23 -13.37 -16.84
N THR A 281 9.35 -13.32 -17.86
CA THR A 281 9.60 -14.13 -19.08
C THR A 281 10.90 -13.71 -19.82
N LYS A 282 11.18 -12.40 -19.89
CA LYS A 282 12.46 -11.98 -20.50
C LYS A 282 13.67 -12.47 -19.65
N MET A 283 13.56 -12.40 -18.32
CA MET A 283 14.62 -12.88 -17.44
C MET A 283 14.89 -14.37 -17.62
N LEU A 284 13.86 -15.15 -17.97
CA LEU A 284 14.03 -16.58 -18.23
C LEU A 284 14.89 -16.87 -19.47
N SER A 285 15.11 -15.87 -20.33
CA SER A 285 16.00 -15.99 -21.48
C SER A 285 17.45 -15.56 -21.13
N HIS A 286 17.71 -15.07 -19.90
CA HIS A 286 19.06 -14.63 -19.52
C HIS A 286 19.95 -15.86 -19.37
N GLN A 287 21.19 -15.74 -19.84
CA GLN A 287 22.16 -16.83 -19.82
C GLN A 287 22.30 -17.52 -18.46
N LEU A 288 22.24 -16.76 -17.36
CA LEU A 288 22.38 -17.34 -16.02
C LEU A 288 21.37 -18.45 -15.76
N VAL A 289 20.10 -18.22 -16.14
CA VAL A 289 19.03 -19.18 -15.86
C VAL A 289 18.62 -20.05 -17.05
N SER A 290 19.16 -19.78 -18.24
CA SER A 290 18.86 -20.61 -19.41
C SER A 290 19.98 -21.62 -19.74
N GLN A 291 21.11 -21.55 -19.01
CA GLN A 291 22.25 -22.44 -19.23
C GLN A 291 21.90 -23.89 -18.89
N PRO A 292 22.58 -24.85 -19.55
CA PRO A 292 22.32 -26.27 -19.24
C PRO A 292 22.86 -26.68 -17.86
N GLY A 293 22.42 -27.83 -17.39
CA GLY A 293 22.89 -28.38 -16.12
C GLY A 293 22.22 -27.82 -14.88
N LEU A 294 21.07 -27.12 -15.05
CA LEU A 294 20.35 -26.60 -13.87
C LEU A 294 19.23 -27.56 -13.59
N ASN A 295 19.35 -28.30 -12.51
CA ASN A 295 18.35 -29.28 -12.14
C ASN A 295 18.35 -29.52 -10.63
N ARG A 296 17.36 -30.27 -10.13
CA ARG A 296 17.23 -30.53 -8.69
C ARG A 296 18.44 -31.23 -8.07
N GLY A 297 19.29 -31.85 -8.88
CA GLY A 297 20.51 -32.50 -8.37
C GLY A 297 21.43 -31.52 -7.66
N LEU A 298 21.43 -30.26 -8.11
CA LEU A 298 22.24 -29.22 -7.47
C LEU A 298 21.75 -28.99 -6.04
N ILE A 299 20.44 -29.03 -5.83
CA ILE A 299 19.85 -28.82 -4.52
C ILE A 299 19.95 -30.07 -3.65
N LEU A 300 19.92 -31.27 -4.25
CA LEU A 300 20.17 -32.49 -3.47
C LEU A 300 21.61 -32.45 -2.88
N ASP A 301 22.56 -31.83 -3.59
CA ASP A 301 23.93 -31.67 -3.09
C ASP A 301 23.94 -30.70 -1.89
N LEU A 302 23.12 -29.64 -1.95
CA LEU A 302 23.01 -28.69 -0.84
C LEU A 302 22.36 -29.38 0.38
N LEU A 303 21.31 -30.19 0.15
CA LEU A 303 20.66 -30.92 1.24
C LEU A 303 21.58 -31.94 1.88
N ASP A 304 22.45 -32.57 1.09
CA ASP A 304 23.42 -33.54 1.61
C ASP A 304 24.46 -32.85 2.49
N LYS A 305 24.84 -31.61 2.13
CA LYS A 305 25.77 -30.78 2.92
C LYS A 305 25.19 -30.50 4.32
N LEU A 306 23.87 -30.31 4.38
CA LEU A 306 23.06 -30.03 5.55
C LEU A 306 23.10 -31.19 6.54
N LYS A 307 23.07 -32.42 6.03
CA LYS A 307 23.07 -33.61 6.88
C LYS A 307 24.49 -34.04 7.24
N ASN A 308 25.44 -33.87 6.31
CA ASN A 308 26.83 -34.27 6.53
C ASN A 308 27.77 -33.08 6.34
N PRO A 309 27.90 -32.21 7.35
CA PRO A 309 28.78 -31.06 7.20
C PRO A 309 30.24 -31.36 7.58
N ASN B 11 11.22 28.24 -12.07
CA ASN B 11 10.75 29.14 -13.11
C ASN B 11 9.88 30.23 -12.50
N LEU B 12 10.45 31.43 -12.33
CA LEU B 12 9.71 32.55 -11.76
C LEU B 12 8.64 33.13 -12.71
N TYR B 13 8.58 32.67 -13.97
CA TYR B 13 7.56 33.13 -14.89
C TYR B 13 6.18 32.56 -14.60
N PHE B 14 6.07 31.52 -13.75
CA PHE B 14 4.76 30.96 -13.40
C PHE B 14 4.27 31.53 -12.05
N GLN B 15 3.00 31.95 -12.00
CA GLN B 15 2.32 32.53 -10.83
C GLN B 15 3.12 33.65 -10.12
N HIS B 31 10.96 35.50 17.34
CA HIS B 31 10.14 35.14 16.19
C HIS B 31 8.73 34.64 16.60
N TYR B 32 8.58 33.39 17.07
CA TYR B 32 7.26 32.85 17.42
C TYR B 32 7.13 32.32 18.83
N ASP B 33 5.95 32.49 19.42
CA ASP B 33 5.65 31.94 20.73
C ASP B 33 4.67 30.80 20.50
N LEU B 34 5.03 29.58 20.94
CA LEU B 34 4.17 28.41 20.80
C LEU B 34 3.00 28.55 21.78
N LEU B 35 1.76 28.43 21.29
CA LEU B 35 0.58 28.63 22.13
C LEU B 35 -0.11 27.34 22.56
N GLN B 36 -0.46 26.47 21.62
CA GLN B 36 -1.16 25.22 21.91
C GLN B 36 -0.98 24.22 20.77
N ARG B 37 -1.08 22.93 21.07
CA ARG B 37 -0.95 21.91 20.05
C ARG B 37 -2.28 21.77 19.28
N LEU B 38 -2.22 21.85 17.95
CA LEU B 38 -3.39 21.77 17.08
C LEU B 38 -3.60 20.37 16.53
N GLY B 39 -2.50 19.74 16.17
CA GLY B 39 -2.53 18.41 15.58
C GLY B 39 -1.25 17.66 15.80
N GLY B 40 -1.28 16.39 15.45
CA GLY B 40 -0.13 15.52 15.60
C GLY B 40 -0.37 14.16 14.99
N GLY B 41 0.73 13.49 14.70
CA GLY B 41 0.75 12.16 14.12
C GLY B 41 2.18 11.71 13.89
N THR B 42 2.37 10.68 13.05
CA THR B 42 3.72 10.20 12.74
C THR B 42 4.57 11.26 12.01
N TYR B 43 3.91 12.19 11.29
CA TYR B 43 4.56 13.28 10.57
C TYR B 43 5.28 14.25 11.50
N GLY B 44 4.77 14.42 12.71
CA GLY B 44 5.28 15.37 13.66
C GLY B 44 4.12 16.05 14.36
N GLU B 45 4.27 17.34 14.70
CA GLU B 45 3.23 18.07 15.39
C GLU B 45 2.96 19.44 14.79
N VAL B 46 1.73 19.91 14.90
CA VAL B 46 1.37 21.24 14.45
C VAL B 46 0.97 22.03 15.69
N PHE B 47 1.45 23.25 15.80
CA PHE B 47 1.16 24.12 16.91
C PHE B 47 0.61 25.44 16.43
N LYS B 48 -0.28 26.03 17.22
CA LYS B 48 -0.75 27.38 16.98
C LYS B 48 0.39 28.27 17.51
N ALA B 49 0.76 29.33 16.79
CA ALA B 49 1.83 30.23 17.23
C ALA B 49 1.48 31.69 16.98
N ARG B 50 2.10 32.59 17.73
CA ARG B 50 1.85 34.02 17.60
C ARG B 50 3.16 34.72 17.33
N ASP B 51 3.19 35.60 16.32
CA ASP B 51 4.40 36.38 16.03
C ASP B 51 4.57 37.41 17.14
N LYS B 52 5.77 37.49 17.73
CA LYS B 52 6.04 38.41 18.84
C LYS B 52 5.91 39.88 18.46
N VAL B 53 6.22 40.21 17.20
CA VAL B 53 6.17 41.59 16.72
C VAL B 53 4.75 42.12 16.47
N SER B 54 3.96 41.43 15.62
CA SER B 54 2.63 41.91 15.24
C SER B 54 1.45 41.21 15.91
N GLY B 55 1.67 40.04 16.50
CA GLY B 55 0.59 39.28 17.11
C GLY B 55 -0.19 38.43 16.14
N ASP B 56 0.26 38.33 14.87
CA ASP B 56 -0.40 37.54 13.84
C ASP B 56 -0.31 36.06 14.17
N LEU B 57 -1.41 35.33 13.99
CA LEU B 57 -1.44 33.91 14.29
C LEU B 57 -1.03 33.09 13.10
N VAL B 58 -0.21 32.08 13.35
CA VAL B 58 0.27 31.17 12.31
C VAL B 58 0.17 29.73 12.87
N ALA B 59 0.33 28.73 12.02
CA ALA B 59 0.42 27.35 12.45
C ALA B 59 1.88 26.95 12.15
N LEU B 60 2.51 26.25 13.06
CA LEU B 60 3.89 25.80 12.89
C LEU B 60 3.93 24.29 12.95
N LYS B 61 4.41 23.67 11.88
CA LYS B 61 4.56 22.22 11.85
C LYS B 61 6.04 21.89 12.16
N MET B 62 6.26 21.05 13.18
CA MET B 62 7.58 20.62 13.65
C MET B 62 7.83 19.21 13.12
N VAL B 63 8.79 19.08 12.20
CA VAL B 63 9.13 17.85 11.49
C VAL B 63 10.53 17.37 11.85
N LYS B 64 10.71 16.07 12.13
CA LYS B 64 12.04 15.51 12.35
C LYS B 64 12.58 15.25 10.95
N MET B 65 13.79 15.71 10.66
CA MET B 65 14.37 15.43 9.35
C MET B 65 15.00 14.04 9.35
N GLU B 66 15.16 13.46 8.17
CA GLU B 66 15.73 12.13 8.05
C GLU B 66 17.25 12.20 8.26
N PRO B 67 17.85 11.15 8.85
CA PRO B 67 19.32 11.15 9.01
C PRO B 67 20.09 11.34 7.70
N ASP B 68 19.53 10.92 6.57
CA ASP B 68 20.22 11.06 5.29
C ASP B 68 19.75 12.26 4.46
N ASP B 69 19.00 13.19 5.07
CA ASP B 69 18.53 14.41 4.42
C ASP B 69 19.78 15.27 4.15
N ASP B 70 19.89 15.77 2.92
CA ASP B 70 21.04 16.58 2.56
C ASP B 70 20.57 17.93 2.00
N VAL B 71 21.50 18.81 1.63
CA VAL B 71 21.14 20.13 1.11
C VAL B 71 20.20 20.04 -0.10
N SER B 72 20.48 19.12 -1.05
CA SER B 72 19.64 18.99 -2.24
C SER B 72 18.26 18.41 -1.93
N THR B 73 18.11 17.44 -0.99
CA THR B 73 16.77 16.93 -0.67
C THR B 73 15.93 17.96 0.05
N LEU B 74 16.54 18.72 0.96
CA LEU B 74 15.83 19.78 1.66
C LEU B 74 15.41 20.85 0.67
N GLN B 75 16.30 21.24 -0.24
CA GLN B 75 15.99 22.26 -1.25
C GLN B 75 14.81 21.84 -2.14
N LYS B 76 14.76 20.57 -2.60
CA LYS B 76 13.64 20.17 -3.45
C LYS B 76 12.32 20.18 -2.70
N GLU B 77 12.30 19.75 -1.42
CA GLU B 77 11.02 19.78 -0.69
C GLU B 77 10.61 21.21 -0.37
N ILE B 78 11.56 22.09 -0.06
CA ILE B 78 11.21 23.49 0.22
C ILE B 78 10.70 24.17 -1.06
N LEU B 79 11.31 23.85 -2.21
CA LEU B 79 10.88 24.41 -3.49
C LEU B 79 9.43 24.01 -3.81
N ILE B 80 9.06 22.75 -3.52
CA ILE B 80 7.70 22.30 -3.78
C ILE B 80 6.73 23.04 -2.85
N LEU B 81 7.10 23.23 -1.58
CA LEU B 81 6.26 23.98 -0.64
C LEU B 81 6.06 25.42 -1.11
N LYS B 82 7.13 26.02 -1.63
CA LYS B 82 7.08 27.41 -2.05
C LYS B 82 6.29 27.61 -3.35
N THR B 83 6.35 26.64 -4.27
CA THR B 83 5.74 26.80 -5.59
C THR B 83 4.36 26.16 -5.78
N CYS B 84 4.00 25.16 -4.97
CA CYS B 84 2.68 24.53 -5.11
C CYS B 84 1.75 25.33 -4.20
N ARG B 85 1.14 26.38 -4.76
CA ARG B 85 0.42 27.41 -4.06
C ARG B 85 -0.96 27.76 -4.64
N HIS B 86 -1.99 27.82 -3.80
CA HIS B 86 -3.35 28.20 -4.25
C HIS B 86 -4.14 28.65 -3.03
N ALA B 87 -5.11 29.57 -3.23
CA ALA B 87 -5.92 30.08 -2.13
C ALA B 87 -6.61 29.00 -1.31
N ASN B 88 -7.03 27.90 -1.96
CA ASN B 88 -7.74 26.82 -1.27
C ASN B 88 -6.83 25.69 -0.76
N ILE B 89 -5.55 25.98 -0.55
CA ILE B 89 -4.64 25.01 0.05
C ILE B 89 -3.93 25.77 1.16
N VAL B 90 -3.79 25.21 2.38
CA VAL B 90 -3.08 25.88 3.51
C VAL B 90 -1.76 26.52 3.01
N ALA B 91 -1.65 27.84 3.18
CA ALA B 91 -0.53 28.57 2.61
C ALA B 91 0.79 28.39 3.34
N TYR B 92 1.86 28.11 2.61
CA TYR B 92 3.20 28.01 3.17
C TYR B 92 3.74 29.45 3.31
N HIS B 93 4.28 29.80 4.49
CA HIS B 93 4.83 31.15 4.73
C HIS B 93 6.36 31.15 4.72
N GLY B 94 6.95 30.06 5.17
CA GLY B 94 8.40 29.96 5.26
C GLY B 94 8.80 28.81 6.14
N SER B 95 10.10 28.57 6.23
CA SER B 95 10.59 27.48 7.07
C SER B 95 11.98 27.76 7.58
N TYR B 96 12.34 27.08 8.65
CA TYR B 96 13.66 27.23 9.25
C TYR B 96 14.04 25.96 9.99
N LEU B 97 15.32 25.84 10.33
CA LEU B 97 15.85 24.71 11.09
C LEU B 97 16.17 25.22 12.49
N TRP B 98 15.69 24.53 13.51
CA TRP B 98 15.90 24.94 14.90
C TRP B 98 15.65 23.75 15.82
N LEU B 99 16.52 23.56 16.84
CA LEU B 99 16.38 22.45 17.79
C LEU B 99 16.37 21.10 17.08
N GLN B 100 17.19 20.97 16.00
CA GLN B 100 17.33 19.77 15.18
C GLN B 100 16.04 19.35 14.46
N LYS B 101 15.12 20.29 14.27
CA LYS B 101 13.85 20.03 13.61
C LYS B 101 13.66 21.01 12.44
N LEU B 102 12.87 20.62 11.45
CA LEU B 102 12.46 21.49 10.35
C LEU B 102 11.11 22.07 10.80
N TRP B 103 10.97 23.39 10.80
CA TRP B 103 9.74 24.03 11.21
C TRP B 103 9.11 24.67 10.00
N ILE B 104 7.88 24.31 9.67
CA ILE B 104 7.18 24.90 8.54
C ILE B 104 6.08 25.85 9.04
N CYS B 105 6.18 27.10 8.67
CA CYS B 105 5.22 28.12 9.05
C CYS B 105 4.14 28.15 8.01
N MET B 106 2.90 28.08 8.45
CA MET B 106 1.78 28.03 7.52
C MET B 106 0.59 28.81 8.04
N GLU B 107 -0.40 29.01 7.18
CA GLU B 107 -1.63 29.70 7.49
C GLU B 107 -2.36 28.99 8.62
N PHE B 108 -2.89 29.74 9.60
CA PHE B 108 -3.62 29.17 10.72
C PHE B 108 -5.11 29.05 10.36
N CYS B 109 -5.69 27.86 10.55
CA CYS B 109 -7.10 27.57 10.29
C CYS B 109 -7.74 27.21 11.62
N GLY B 110 -8.22 28.23 12.32
CA GLY B 110 -8.74 28.16 13.68
C GLY B 110 -9.86 27.22 14.02
N ALA B 111 -10.72 26.90 13.04
CA ALA B 111 -11.85 26.02 13.30
C ALA B 111 -11.54 24.53 13.14
N GLY B 112 -10.34 24.18 12.69
CA GLY B 112 -10.00 22.77 12.50
C GLY B 112 -10.61 22.20 11.24
N SER B 113 -10.77 20.88 11.20
CA SER B 113 -11.29 20.23 10.02
C SER B 113 -12.81 20.19 9.99
N LEU B 114 -13.38 19.90 8.80
CA LEU B 114 -14.82 19.73 8.70
C LEU B 114 -15.28 18.55 9.57
N GLN B 115 -14.44 17.51 9.73
CA GLN B 115 -14.79 16.39 10.62
C GLN B 115 -14.85 16.86 12.08
N ASP B 116 -13.88 17.64 12.55
CA ASP B 116 -13.90 18.19 13.91
C ASP B 116 -15.19 18.98 14.16
N ILE B 117 -15.65 19.73 13.14
CA ILE B 117 -16.85 20.52 13.20
C ILE B 117 -18.15 19.71 13.15
N TYR B 118 -18.37 18.88 12.11
CA TYR B 118 -19.64 18.16 11.99
C TYR B 118 -19.87 17.16 13.12
N GLN B 119 -18.80 16.68 13.78
CA GLN B 119 -18.97 15.78 14.95
C GLN B 119 -19.66 16.51 16.11
N VAL B 120 -19.62 17.85 16.13
CA VAL B 120 -20.29 18.67 17.13
C VAL B 120 -21.59 19.25 16.60
N THR B 121 -21.58 19.84 15.39
CA THR B 121 -22.76 20.54 14.83
C THR B 121 -23.82 19.69 14.20
N GLY B 122 -23.47 18.48 13.77
CA GLY B 122 -24.39 17.68 12.98
C GLY B 122 -24.15 17.96 11.49
N SER B 123 -24.98 17.38 10.63
CA SER B 123 -24.79 17.48 9.17
C SER B 123 -24.83 18.90 8.62
N LEU B 124 -24.09 19.12 7.51
CA LEU B 124 -24.08 20.42 6.88
C LEU B 124 -25.31 20.52 5.99
N SER B 125 -25.74 21.76 5.71
CA SER B 125 -26.85 22.00 4.81
C SER B 125 -26.36 21.80 3.38
N GLU B 126 -27.29 21.70 2.41
CA GLU B 126 -26.91 21.54 1.02
C GLU B 126 -26.09 22.73 0.53
N LEU B 127 -26.48 23.97 0.92
CA LEU B 127 -25.71 25.14 0.49
C LEU B 127 -24.30 25.12 1.10
N GLN B 128 -24.18 24.73 2.36
CA GLN B 128 -22.86 24.65 3.01
C GLN B 128 -21.97 23.62 2.29
N ILE B 129 -22.53 22.48 1.93
CA ILE B 129 -21.77 21.45 1.21
C ILE B 129 -21.39 21.94 -0.18
N SER B 130 -22.32 22.66 -0.85
CA SER B 130 -22.05 23.20 -2.18
C SER B 130 -20.86 24.15 -2.17
N TYR B 131 -20.78 24.99 -1.14
CA TYR B 131 -19.67 25.96 -1.03
C TYR B 131 -18.37 25.19 -0.77
N VAL B 132 -18.39 24.22 0.15
CA VAL B 132 -17.19 23.41 0.45
C VAL B 132 -16.71 22.69 -0.82
N CYS B 133 -17.63 22.08 -1.57
CA CYS B 133 -17.28 21.35 -2.80
C CYS B 133 -16.72 22.28 -3.83
N ARG B 134 -17.29 23.50 -3.98
CA ARG B 134 -16.74 24.44 -4.97
C ARG B 134 -15.29 24.81 -4.58
N GLU B 135 -15.05 25.08 -3.31
CA GLU B 135 -13.75 25.50 -2.81
C GLU B 135 -12.72 24.36 -2.97
N VAL B 136 -13.10 23.14 -2.61
CA VAL B 136 -12.20 21.99 -2.79
C VAL B 136 -11.91 21.75 -4.27
N LEU B 137 -12.94 21.85 -5.14
CA LEU B 137 -12.73 21.66 -6.58
C LEU B 137 -11.79 22.69 -7.15
N GLN B 138 -11.79 23.93 -6.63
CA GLN B 138 -10.84 24.96 -7.10
C GLN B 138 -9.41 24.52 -6.75
N GLY B 139 -9.22 24.01 -5.54
CA GLY B 139 -7.93 23.49 -5.11
C GLY B 139 -7.47 22.31 -5.96
N LEU B 140 -8.42 21.40 -6.27
CA LEU B 140 -8.11 20.22 -7.07
C LEU B 140 -7.82 20.60 -8.52
N ALA B 141 -8.57 21.55 -9.11
CA ALA B 141 -8.31 21.97 -10.50
C ALA B 141 -6.87 22.54 -10.58
N TYR B 142 -6.45 23.27 -9.54
CA TYR B 142 -5.07 23.77 -9.45
C TYR B 142 -4.08 22.58 -9.36
N LEU B 143 -4.24 21.67 -8.39
CA LEU B 143 -3.31 20.53 -8.25
C LEU B 143 -3.21 19.70 -9.51
N HIS B 144 -4.36 19.41 -10.14
CA HIS B 144 -4.38 18.62 -11.36
C HIS B 144 -3.69 19.35 -12.50
N SER B 145 -3.79 20.70 -12.55
CA SER B 145 -3.07 21.46 -13.60
C SER B 145 -1.52 21.38 -13.40
N GLN B 146 -1.08 21.11 -12.19
CA GLN B 146 0.34 20.94 -11.83
C GLN B 146 0.76 19.45 -11.91
N LYS B 147 -0.12 18.56 -12.43
CA LYS B 147 0.09 17.13 -12.58
C LYS B 147 0.26 16.42 -11.24
N LYS B 148 -0.40 16.92 -10.18
CA LYS B 148 -0.36 16.27 -8.88
C LYS B 148 -1.69 15.59 -8.62
N ILE B 149 -1.67 14.45 -7.93
CA ILE B 149 -2.89 13.78 -7.51
C ILE B 149 -2.91 13.90 -5.99
N HIS B 150 -4.01 14.39 -5.43
CA HIS B 150 -4.09 14.60 -3.99
C HIS B 150 -4.17 13.23 -3.24
N ARG B 151 -5.11 12.38 -3.64
CA ARG B 151 -5.30 11.02 -3.10
C ARG B 151 -5.67 10.95 -1.62
N ASP B 152 -6.03 12.08 -1.01
CA ASP B 152 -6.33 12.08 0.43
C ASP B 152 -7.52 13.03 0.76
N ILE B 153 -8.47 13.17 -0.17
CA ILE B 153 -9.62 14.05 0.04
C ILE B 153 -10.65 13.38 0.96
N LYS B 154 -10.98 14.06 2.03
CA LYS B 154 -11.97 13.62 3.03
C LYS B 154 -12.19 14.75 4.02
N GLY B 155 -13.30 14.71 4.76
CA GLY B 155 -13.63 15.78 5.71
C GLY B 155 -12.55 16.14 6.70
N ALA B 156 -11.83 15.12 7.21
CA ALA B 156 -10.75 15.32 8.17
C ALA B 156 -9.56 16.10 7.59
N ASN B 157 -9.44 16.14 6.26
CA ASN B 157 -8.32 16.80 5.60
C ASN B 157 -8.72 18.12 4.92
N ILE B 158 -9.90 18.67 5.28
CA ILE B 158 -10.35 19.95 4.77
C ILE B 158 -10.48 20.84 5.98
N LEU B 159 -9.68 21.90 6.08
CA LEU B 159 -9.65 22.81 7.23
C LEU B 159 -10.45 24.08 6.96
N ILE B 160 -10.91 24.70 8.04
CA ILE B 160 -11.74 25.89 7.98
C ILE B 160 -11.10 26.95 8.84
N ASN B 161 -10.96 28.18 8.33
CA ASN B 161 -10.38 29.23 9.17
C ASN B 161 -11.50 30.03 9.88
N ASP B 162 -11.14 30.96 10.77
CA ASP B 162 -12.14 31.71 11.53
C ASP B 162 -13.03 32.59 10.66
N ALA B 163 -12.60 32.90 9.41
CA ALA B 163 -13.41 33.67 8.47
C ALA B 163 -14.39 32.79 7.65
N GLY B 164 -14.41 31.49 7.88
CA GLY B 164 -15.29 30.58 7.14
C GLY B 164 -14.73 30.09 5.83
N GLU B 165 -13.43 30.37 5.60
CA GLU B 165 -12.78 29.95 4.34
C GLU B 165 -12.33 28.51 4.38
N VAL B 166 -12.29 27.86 3.22
CA VAL B 166 -11.97 26.43 3.11
C VAL B 166 -10.58 26.22 2.56
N ARG B 167 -9.78 25.36 3.21
CA ARG B 167 -8.42 25.10 2.79
C ARG B 167 -8.15 23.60 2.87
N LEU B 168 -7.59 22.99 1.82
CA LEU B 168 -7.08 21.63 1.90
C LEU B 168 -5.89 21.66 2.89
N ALA B 169 -5.86 20.75 3.87
CA ALA B 169 -4.81 20.69 4.90
C ALA B 169 -3.42 20.64 4.27
N ASP B 170 -3.29 19.94 3.15
CA ASP B 170 -2.03 19.85 2.39
C ASP B 170 -2.32 19.52 0.92
N PHE B 171 -1.27 19.39 0.07
CA PHE B 171 -1.51 19.04 -1.32
C PHE B 171 -1.57 17.53 -1.57
N GLY B 172 -1.79 16.74 -0.53
CA GLY B 172 -2.03 15.31 -0.68
C GLY B 172 -0.91 14.39 -0.28
N ILE B 173 -0.97 13.14 -0.77
CA ILE B 173 -0.01 12.12 -0.38
C ILE B 173 1.42 12.47 -0.76
N SER B 174 1.62 13.31 -1.80
CA SER B 174 2.98 13.73 -2.14
C SER B 174 3.60 14.69 -1.10
N ALA B 175 2.78 15.21 -0.14
CA ALA B 175 3.30 16.02 0.98
C ALA B 175 3.48 15.13 2.24
N GLN B 176 3.34 13.79 2.13
CA GLN B 176 3.36 12.85 3.26
C GLN B 176 4.36 11.71 3.06
N ILE B 177 5.42 11.93 2.28
CA ILE B 177 6.37 10.86 1.96
C ILE B 177 6.99 10.23 3.22
N GLY B 178 7.49 11.06 4.14
CA GLY B 178 8.09 10.58 5.38
C GLY B 178 7.16 9.70 6.19
N ALA B 179 5.89 10.13 6.35
CA ALA B 179 4.90 9.34 7.07
C ALA B 179 4.56 8.03 6.37
N THR B 180 4.48 8.02 5.03
CA THR B 180 4.16 6.79 4.30
C THR B 180 5.28 5.77 4.45
N LEU B 181 6.53 6.23 4.46
CA LEU B 181 7.68 5.34 4.65
C LEU B 181 7.64 4.69 6.03
N ALA B 182 7.32 5.47 7.06
CA ALA B 182 7.22 4.93 8.42
C ALA B 182 6.04 3.97 8.55
N ARG B 183 4.91 4.26 7.88
CA ARG B 183 3.75 3.37 7.90
C ARG B 183 4.07 2.03 7.21
N ARG B 184 4.85 2.08 6.14
CA ARG B 184 5.28 0.90 5.42
C ARG B 184 6.17 0.03 6.30
N LEU B 185 7.09 0.64 7.06
CA LEU B 185 7.94 -0.12 7.97
C LEU B 185 7.09 -0.79 9.06
N SER B 186 6.11 -0.06 9.59
CA SER B 186 5.28 -0.53 10.67
C SER B 186 4.36 -1.68 10.32
N PHE B 187 3.72 -1.60 9.15
CA PHE B 187 2.71 -2.59 8.80
C PHE B 187 3.11 -3.59 7.72
N ILE B 188 4.12 -3.29 6.90
CA ILE B 188 4.54 -4.24 5.86
C ILE B 188 5.79 -5.00 6.31
N GLY B 189 6.75 -4.28 6.86
CA GLY B 189 7.95 -4.91 7.39
C GLY B 189 9.24 -4.32 6.88
N THR B 190 10.35 -5.07 7.03
CA THR B 190 11.65 -4.58 6.61
C THR B 190 11.71 -4.34 5.12
N PRO B 191 12.55 -3.40 4.71
CA PRO B 191 12.58 -3.01 3.31
C PRO B 191 13.69 -3.60 2.47
N TYR B 192 14.54 -4.48 3.01
CA TYR B 192 15.74 -4.91 2.30
C TYR B 192 15.52 -5.59 0.94
N TRP B 193 14.34 -6.18 0.74
CA TRP B 193 14.04 -6.84 -0.53
C TRP B 193 13.07 -5.99 -1.40
N MET B 194 12.65 -4.81 -0.91
CA MET B 194 11.68 -3.95 -1.60
C MET B 194 12.32 -3.17 -2.74
N ALA B 195 11.63 -3.10 -3.90
CA ALA B 195 12.12 -2.33 -5.04
C ALA B 195 12.02 -0.83 -4.71
N PRO B 196 12.89 0.00 -5.28
CA PRO B 196 12.88 1.43 -4.92
C PRO B 196 11.63 2.18 -5.31
N GLU B 197 10.91 1.74 -6.35
CA GLU B 197 9.69 2.42 -6.77
C GLU B 197 8.54 2.23 -5.77
N VAL B 198 8.57 1.13 -4.98
CA VAL B 198 7.52 0.90 -3.99
C VAL B 198 7.62 1.90 -2.80
N ALA B 199 8.76 2.61 -2.66
CA ALA B 199 8.99 3.58 -1.60
C ALA B 199 9.03 5.00 -2.13
N ALA B 200 9.63 5.21 -3.31
CA ALA B 200 9.72 6.56 -3.90
C ALA B 200 8.35 7.14 -4.25
N VAL B 201 7.36 6.26 -4.51
CA VAL B 201 5.95 6.55 -4.83
C VAL B 201 5.71 7.92 -5.50
N ALA B 202 6.33 8.14 -6.68
CA ALA B 202 6.15 9.40 -7.39
C ALA B 202 5.06 9.30 -8.53
N LEU B 203 5.30 8.61 -9.67
CA LEU B 203 4.27 8.48 -10.71
C LEU B 203 3.57 7.16 -10.51
N LYS B 204 2.50 7.15 -9.70
CA LYS B 204 1.79 5.92 -9.41
C LYS B 204 0.89 5.47 -10.55
N GLY B 205 0.92 4.18 -10.80
CA GLY B 205 0.09 3.60 -11.84
C GLY B 205 -1.17 3.00 -11.28
N GLY B 206 -2.09 2.69 -12.16
CA GLY B 206 -3.35 2.08 -11.79
C GLY B 206 -4.47 3.08 -11.70
N TYR B 207 -4.15 4.37 -11.55
CA TYR B 207 -5.17 5.40 -11.45
C TYR B 207 -4.61 6.78 -11.84
N ASN B 208 -5.49 7.76 -12.03
CA ASN B 208 -5.06 9.11 -12.39
C ASN B 208 -5.77 10.13 -11.47
N GLU B 209 -5.65 11.43 -11.78
CA GLU B 209 -6.21 12.48 -10.94
C GLU B 209 -7.70 12.39 -10.70
N LEU B 210 -8.42 11.69 -11.58
CA LEU B 210 -9.88 11.56 -11.42
C LEU B 210 -10.28 10.79 -10.17
N CYS B 211 -9.36 10.07 -9.51
CA CYS B 211 -9.69 9.42 -8.23
C CYS B 211 -10.09 10.50 -7.18
N ASP B 212 -9.55 11.74 -7.31
CA ASP B 212 -9.89 12.85 -6.37
C ASP B 212 -11.34 13.31 -6.52
N ILE B 213 -11.89 13.26 -7.74
CA ILE B 213 -13.28 13.66 -8.00
C ILE B 213 -14.24 12.68 -7.30
N TRP B 214 -13.90 11.39 -7.35
CA TRP B 214 -14.67 10.38 -6.64
C TRP B 214 -14.63 10.65 -5.13
N SER B 215 -13.42 10.87 -4.58
CA SER B 215 -13.28 11.11 -3.15
C SER B 215 -14.03 12.36 -2.70
N LEU B 216 -14.12 13.37 -3.58
CA LEU B 216 -14.89 14.57 -3.24
C LEU B 216 -16.41 14.25 -3.19
N GLY B 217 -16.88 13.36 -4.07
CA GLY B 217 -18.28 12.94 -4.06
C GLY B 217 -18.59 12.20 -2.78
N ILE B 218 -17.66 11.33 -2.33
CA ILE B 218 -17.84 10.61 -1.06
C ILE B 218 -17.80 11.62 0.10
N THR B 219 -16.91 12.62 0.02
CA THR B 219 -16.83 13.66 1.05
C THR B 219 -18.15 14.46 1.14
N ALA B 220 -18.80 14.73 0.00
CA ALA B 220 -20.08 15.42 0.00
C ALA B 220 -21.14 14.58 0.76
N ILE B 221 -21.14 13.25 0.56
CA ILE B 221 -22.04 12.37 1.32
C ILE B 221 -21.68 12.38 2.80
N GLU B 222 -20.39 12.31 3.11
CA GLU B 222 -19.88 12.37 4.48
C GLU B 222 -20.36 13.65 5.19
N LEU B 223 -20.30 14.81 4.53
CA LEU B 223 -20.76 16.06 5.14
C LEU B 223 -22.29 16.09 5.32
N ALA B 224 -23.02 15.40 4.44
CA ALA B 224 -24.49 15.33 4.48
C ALA B 224 -25.00 14.35 5.51
N GLU B 225 -24.27 13.25 5.73
CA GLU B 225 -24.71 12.11 6.52
C GLU B 225 -23.88 11.78 7.76
N LEU B 226 -22.75 12.46 7.97
CA LEU B 226 -21.84 12.29 9.11
C LEU B 226 -20.89 11.08 9.01
N GLN B 227 -21.03 10.30 7.94
CA GLN B 227 -20.15 9.16 7.69
C GLN B 227 -20.12 8.95 6.20
N PRO B 228 -19.02 8.39 5.68
CA PRO B 228 -19.03 7.97 4.27
C PRO B 228 -19.91 6.73 4.11
N PRO B 229 -20.35 6.43 2.88
CA PRO B 229 -21.13 5.19 2.66
C PRO B 229 -20.30 3.96 3.07
N LEU B 230 -20.94 2.92 3.60
CA LEU B 230 -20.25 1.69 4.02
C LEU B 230 -19.30 1.85 5.21
N PHE B 231 -19.38 2.98 5.94
CA PHE B 231 -18.50 3.22 7.09
C PHE B 231 -18.52 2.06 8.13
N ASP B 232 -19.63 1.33 8.18
CA ASP B 232 -19.75 0.24 9.16
C ASP B 232 -19.45 -1.15 8.59
N VAL B 233 -18.90 -1.22 7.37
CA VAL B 233 -18.55 -2.49 6.73
C VAL B 233 -17.06 -2.71 6.84
N HIS B 234 -16.62 -3.94 7.16
CA HIS B 234 -15.19 -4.27 7.27
C HIS B 234 -14.42 -3.87 6.00
N PRO B 235 -13.25 -3.24 6.16
CA PRO B 235 -12.47 -2.77 4.99
C PRO B 235 -12.22 -3.79 3.89
N LEU B 236 -11.87 -5.05 4.25
CA LEU B 236 -11.64 -6.07 3.24
C LEU B 236 -12.88 -6.35 2.42
N ARG B 237 -14.05 -6.41 3.08
CA ARG B 237 -15.31 -6.65 2.41
C ARG B 237 -15.62 -5.51 1.43
N VAL B 238 -15.33 -4.26 1.83
CA VAL B 238 -15.49 -3.08 0.98
C VAL B 238 -14.58 -3.15 -0.24
N LEU B 239 -13.31 -3.56 -0.06
CA LEU B 239 -12.40 -3.71 -1.19
C LEU B 239 -12.90 -4.73 -2.19
N PHE B 240 -13.42 -5.88 -1.72
CA PHE B 240 -13.99 -6.87 -2.63
C PHE B 240 -15.26 -6.34 -3.32
N LEU B 241 -16.12 -5.63 -2.59
CA LEU B 241 -17.35 -5.07 -3.14
C LEU B 241 -17.05 -4.03 -4.25
N MET B 242 -16.12 -3.10 -3.99
CA MET B 242 -15.79 -2.04 -4.95
C MET B 242 -15.09 -2.53 -6.20
N THR B 243 -14.40 -3.67 -6.10
CA THR B 243 -13.67 -4.21 -7.23
C THR B 243 -14.48 -5.23 -8.07
N LYS B 244 -15.69 -5.58 -7.64
CA LYS B 244 -16.56 -6.49 -8.37
C LYS B 244 -17.04 -5.78 -9.65
N SER B 245 -17.13 -6.53 -10.78
CA SER B 245 -17.49 -5.96 -12.09
C SER B 245 -18.71 -4.99 -12.09
N GLY B 246 -19.85 -5.43 -11.58
CA GLY B 246 -21.05 -4.59 -11.60
C GLY B 246 -21.26 -3.69 -10.39
N TYR B 247 -20.16 -3.21 -9.76
CA TYR B 247 -20.24 -2.34 -8.56
C TYR B 247 -21.17 -1.13 -8.76
N GLN B 248 -22.16 -0.95 -7.86
CA GLN B 248 -23.04 0.20 -7.95
C GLN B 248 -22.53 1.32 -7.04
N PRO B 249 -22.22 2.49 -7.61
CA PRO B 249 -21.74 3.60 -6.79
C PRO B 249 -22.78 4.00 -5.74
N PRO B 250 -22.31 4.50 -4.59
CA PRO B 250 -23.25 4.93 -3.56
C PRO B 250 -24.08 6.17 -3.91
N ARG B 251 -25.12 6.41 -3.11
CA ARG B 251 -26.00 7.56 -3.31
C ARG B 251 -26.32 8.16 -1.94
N LEU B 252 -26.93 9.36 -1.92
CA LEU B 252 -27.43 9.95 -0.68
C LEU B 252 -28.64 9.08 -0.24
N LYS B 253 -28.70 8.70 1.03
CA LYS B 253 -29.74 7.78 1.50
C LYS B 253 -31.13 8.42 1.72
N GLU B 254 -31.19 9.70 2.16
CA GLU B 254 -32.45 10.41 2.41
C GLU B 254 -32.83 11.27 1.19
N LYS B 255 -33.47 10.68 0.17
CA LYS B 255 -33.85 11.33 -1.09
C LYS B 255 -34.56 12.71 -0.98
N GLY B 256 -35.64 12.78 -0.19
CA GLY B 256 -36.42 14.00 -0.04
C GLY B 256 -35.76 15.18 0.66
N LYS B 257 -34.61 14.95 1.29
CA LYS B 257 -33.89 16.01 1.98
C LYS B 257 -33.06 16.89 0.99
N TRP B 258 -32.69 16.32 -0.17
CA TRP B 258 -31.76 16.98 -1.10
C TRP B 258 -32.32 17.31 -2.46
N SER B 259 -31.82 18.38 -3.09
CA SER B 259 -32.27 18.78 -4.43
C SER B 259 -31.83 17.81 -5.50
N ALA B 260 -32.49 17.90 -6.66
CA ALA B 260 -32.12 17.09 -7.81
C ALA B 260 -30.69 17.45 -8.29
N ALA B 261 -30.27 18.73 -8.13
CA ALA B 261 -28.90 19.12 -8.50
C ALA B 261 -27.88 18.42 -7.60
N PHE B 262 -28.15 18.31 -6.30
CA PHE B 262 -27.22 17.62 -5.38
C PHE B 262 -27.19 16.14 -5.72
N HIS B 263 -28.36 15.51 -5.96
CA HIS B 263 -28.37 14.10 -6.38
C HIS B 263 -27.54 13.90 -7.68
N ASN B 264 -27.66 14.84 -8.64
CA ASN B 264 -26.90 14.72 -9.88
C ASN B 264 -25.40 14.93 -9.67
N PHE B 265 -25.01 15.89 -8.80
CA PHE B 265 -23.61 16.11 -8.46
C PHE B 265 -22.99 14.81 -7.89
N ILE B 266 -23.72 14.12 -7.01
CA ILE B 266 -23.26 12.83 -6.46
C ILE B 266 -23.17 11.76 -7.56
N LYS B 267 -24.19 11.69 -8.43
CA LYS B 267 -24.19 10.70 -9.51
C LYS B 267 -22.97 10.86 -10.46
N VAL B 268 -22.64 12.11 -10.87
CA VAL B 268 -21.54 12.30 -11.83
C VAL B 268 -20.15 12.23 -11.16
N THR B 269 -19.98 12.74 -9.93
CA THR B 269 -18.69 12.61 -9.24
C THR B 269 -18.42 11.14 -8.94
N LEU B 270 -19.48 10.35 -8.61
CA LEU B 270 -19.31 8.93 -8.34
C LEU B 270 -19.50 8.06 -9.57
N THR B 271 -18.95 8.48 -10.71
CA THR B 271 -19.00 7.67 -11.93
C THR B 271 -18.00 6.54 -11.71
N ALA B 272 -18.43 5.26 -11.78
CA ALA B 272 -17.54 4.14 -11.52
C ALA B 272 -16.33 4.09 -12.48
N SER B 273 -16.57 4.26 -13.78
CA SER B 273 -15.50 4.23 -14.78
C SER B 273 -14.76 5.56 -14.78
N PRO B 274 -13.46 5.56 -14.45
CA PRO B 274 -12.70 6.81 -14.44
C PRO B 274 -12.60 7.46 -15.83
N ALA B 275 -12.67 6.66 -16.92
CA ALA B 275 -12.64 7.23 -18.26
C ALA B 275 -13.84 8.18 -18.50
N ALA B 276 -14.97 7.95 -17.81
CA ALA B 276 -16.16 8.76 -17.96
C ALA B 276 -16.41 9.74 -16.80
N ARG B 277 -15.54 9.79 -15.80
CA ARG B 277 -15.76 10.63 -14.63
C ARG B 277 -15.29 12.05 -14.95
N PRO B 278 -16.09 13.08 -14.63
CA PRO B 278 -15.71 14.45 -15.00
C PRO B 278 -14.49 14.98 -14.29
N SER B 279 -13.73 15.86 -14.97
CA SER B 279 -12.56 16.52 -14.42
C SER B 279 -12.98 17.57 -13.34
N ALA B 280 -12.00 18.07 -12.56
CA ALA B 280 -12.29 19.11 -11.56
C ALA B 280 -12.87 20.39 -12.24
N THR B 281 -12.24 20.84 -13.35
CA THR B 281 -12.72 22.02 -14.05
C THR B 281 -14.11 21.82 -14.62
N LYS B 282 -14.39 20.62 -15.16
CA LYS B 282 -15.75 20.35 -15.66
C LYS B 282 -16.74 20.38 -14.46
N MET B 283 -16.35 19.78 -13.33
CA MET B 283 -17.22 19.78 -12.14
C MET B 283 -17.52 21.19 -11.63
N LEU B 284 -16.58 22.14 -11.79
CA LEU B 284 -16.83 23.53 -11.40
C LEU B 284 -17.95 24.20 -12.23
N SER B 285 -18.29 23.64 -13.38
CA SER B 285 -19.40 24.14 -14.21
C SER B 285 -20.77 23.52 -13.83
N HIS B 286 -20.78 22.56 -12.87
CA HIS B 286 -22.02 21.91 -12.45
C HIS B 286 -22.88 22.91 -11.67
N GLN B 287 -24.20 22.89 -11.90
CA GLN B 287 -25.15 23.77 -11.27
C GLN B 287 -25.01 23.82 -9.76
N LEU B 288 -24.69 22.67 -9.10
CA LEU B 288 -24.56 22.69 -7.63
C LEU B 288 -23.50 23.68 -7.14
N VAL B 289 -22.34 23.71 -7.79
CA VAL B 289 -21.25 24.56 -7.33
C VAL B 289 -21.12 25.88 -8.09
N SER B 290 -21.90 26.07 -9.17
CA SER B 290 -21.84 27.33 -9.91
C SER B 290 -23.01 28.28 -9.55
N GLN B 291 -23.93 27.83 -8.69
CA GLN B 291 -25.08 28.62 -8.27
C GLN B 291 -24.66 29.85 -7.47
N PRO B 292 -25.47 30.94 -7.55
CA PRO B 292 -25.14 32.13 -6.77
C PRO B 292 -25.40 31.95 -5.28
N GLY B 293 -24.83 32.84 -4.47
CA GLY B 293 -25.04 32.81 -3.03
C GLY B 293 -24.16 31.85 -2.22
N LEU B 294 -23.15 31.27 -2.86
CA LEU B 294 -22.22 30.40 -2.15
C LEU B 294 -21.04 31.28 -1.69
N ASN B 295 -20.96 31.52 -0.40
CA ASN B 295 -19.90 32.34 0.16
C ASN B 295 -19.57 31.89 1.57
N ARG B 296 -18.47 32.42 2.14
CA ARG B 296 -17.99 32.00 3.45
C ARG B 296 -18.96 32.27 4.61
N GLY B 297 -19.98 33.11 4.38
CA GLY B 297 -21.03 33.32 5.37
C GLY B 297 -21.77 32.03 5.71
N LEU B 298 -21.90 31.12 4.72
CA LEU B 298 -22.52 29.81 4.96
C LEU B 298 -21.75 29.03 6.01
N ILE B 299 -20.42 29.13 5.98
CA ILE B 299 -19.57 28.43 6.94
C ILE B 299 -19.51 29.18 8.26
N LEU B 300 -19.58 30.53 8.24
CA LEU B 300 -19.70 31.28 9.50
C LEU B 300 -21.01 30.90 10.22
N ASP B 301 -22.09 30.59 9.47
CA ASP B 301 -23.34 30.10 10.06
C ASP B 301 -23.10 28.75 10.74
N LEU B 302 -22.28 27.88 10.10
CA LEU B 302 -21.96 26.58 10.66
C LEU B 302 -21.13 26.74 11.92
N LEU B 303 -20.16 27.67 11.92
CA LEU B 303 -19.33 27.92 13.10
C LEU B 303 -20.14 28.56 14.25
N ASP B 304 -21.18 29.33 13.92
CA ASP B 304 -22.06 29.91 14.94
C ASP B 304 -22.76 28.78 15.73
N LYS B 305 -23.02 27.59 15.11
CA LYS B 305 -23.60 26.44 15.80
C LYS B 305 -22.67 25.86 16.88
N LEU B 306 -21.36 26.09 16.77
CA LEU B 306 -20.38 25.64 17.76
C LEU B 306 -20.44 26.48 19.03
N LYS B 307 -20.66 27.80 18.91
CA LYS B 307 -20.72 28.69 20.07
C LYS B 307 -21.91 28.34 20.94
N ASN B 308 -23.06 28.04 20.32
CA ASN B 308 -24.26 27.69 21.06
C ASN B 308 -24.85 26.38 20.54
N PRO B 309 -24.31 25.24 21.02
CA PRO B 309 -24.81 23.95 20.55
C PRO B 309 -25.85 23.38 21.50
N1 9ID C . 7.86 -26.49 5.71
N3 9ID C . 5.04 -24.44 4.54
C4 9ID C . 6.36 -23.27 6.12
C5 9ID C . 5.30 -23.31 5.22
C6 9ID C . 5.85 -25.48 4.72
C7 9ID C . 5.50 -26.71 3.91
C8 9ID C . 4.48 -22.12 4.89
C10 9ID C . 3.70 -19.74 5.31
C13 9ID C . 3.58 -22.25 3.68
C15 9ID C . -0.28 -21.27 1.04
C17 9ID C . -0.31 -22.20 -1.18
C20 9ID C . -1.36 -20.47 0.71
C21 9ID C . 9.72 -27.75 6.67
O1 9ID C . -0.34 -20.91 3.39
C14 9ID C . 0.35 -21.16 2.39
C19 9ID C . -1.91 -20.54 -0.56
C18 9ID C . -1.39 -21.41 -1.50
C16 9ID C . 0.24 -22.14 0.09
N5 9ID C . 1.68 -21.33 2.48
C12 9ID C . 2.42 -21.27 3.73
C11 9ID C . 2.95 -19.86 3.98
C9 9ID C . 4.51 -20.97 5.62
N2 9ID C . 7.18 -24.32 6.31
N4 9ID C . 4.49 -26.57 3.03
O 9ID C . 6.12 -27.77 4.04
C3 9ID C . 6.95 -25.44 5.60
C2 9ID C . 8.95 -26.59 6.58
C1 9ID C . 9.48 -25.73 7.51
N6 9ID C . 10.67 -27.62 7.59
N 9ID C . 10.49 -26.37 8.09
C 9ID C . 11.38 -25.87 9.13
S SO4 D . 3.39 0.01 -7.17
O1 SO4 D . 4.07 0.84 -8.17
O2 SO4 D . 1.99 0.40 -7.08
O3 SO4 D . 3.50 -1.40 -7.53
O4 SO4 D . 4.04 0.23 -5.86
N1 9ID E . -5.58 23.48 12.64
N3 9ID E . -3.02 22.47 10.20
C4 9ID E . -3.89 20.60 11.37
C5 9ID E . -3.07 21.15 10.39
C6 9ID E . -3.80 23.24 10.95
C7 9ID E . -3.70 24.73 10.68
C8 9ID E . -2.28 20.30 9.48
C10 9ID E . -1.17 18.09 8.93
C13 9ID E . -1.71 20.95 8.23
C15 9ID E . 1.24 21.27 4.50
C17 9ID E . 0.68 22.92 2.83
C20 9ID E . 2.12 20.69 3.60
C21 9ID E . -7.20 23.98 14.39
O1 9ID E . 1.96 20.12 6.45
C14 9ID E . 1.03 20.66 5.84
C19 9ID E . 2.26 21.20 2.32
C18 9ID E . 1.53 22.31 1.93
C16 9ID E . 0.52 22.40 4.11
N5 9ID E . -0.21 20.69 6.33
C12 9ID E . -0.55 20.15 7.65
C11 9ID E . -0.91 18.68 7.55
C9 9ID E . -2.04 18.98 9.76
N2 9ID E . -4.69 21.36 12.13
N4 9ID E . -2.90 25.09 9.66
O 9ID E . -4.35 25.57 11.35
C3 9ID E . -4.67 22.69 11.91
C2 9ID E . -6.48 23.06 13.63
C1 9ID E . -6.78 21.83 14.13
N6 9ID E . -7.91 23.36 15.33
N 9ID E . -7.63 22.03 15.15
C 9ID E . -8.25 21.03 15.99
#